data_6QMP
#
_entry.id   6QMP
#
_cell.length_a   52.900
_cell.length_b   52.900
_cell.length_c   134.100
_cell.angle_alpha   90.000
_cell.angle_beta   90.000
_cell.angle_gamma   120.000
#
_symmetry.space_group_name_H-M   'P 32 2 1'
#
loop_
_entity.id
_entity.type
_entity.pdbx_description
1 polymer 'Nuclear transcription factor Y subunit alpha'
2 polymer 'Nuclear transcription factor Y subunit beta'
3 polymer 'Nuclear transcription factor Y subunit gamma'
4 water water
#
loop_
_entity_poly.entity_id
_entity_poly.type
_entity_poly.pdbx_seq_one_letter_code
_entity_poly.pdbx_strand_id
1 'polypeptide(L)' (ACE)VNAKQYHRILKRRQARAKLEAEGKIPKER(NH2) A
2 'polypeptide(L)'
;GPSFREQDIYLPIANVARIMKNAIPQTGKIAKDAKECVQECVSEFISFITSEASERCHQEKRKTINGEDILFAMSTLGFD
SYVEPLKLYLQKFRE
;
B
3 'polypeptide(L)'
;GPMEEIRNLTVKDFRVQELPLARIKKIMKLDEDVKMISAEAPVLFAKAAQIFITELTLRAWIHTEDNKRRTLQRNDIAMA
ITKFDQFDFLIDIVPR
;
C
#
loop_
_chem_comp.id
_chem_comp.type
_chem_comp.name
_chem_comp.formula
ACE non-polymer 'ACETYL GROUP' 'C2 H4 O'
NH2 non-polymer 'AMINO GROUP' 'H2 N'
#
# COMPACT_ATOMS: atom_id res chain seq x y z
C ACE A 1 2.14 19.91 4.40
O ACE A 1 3.07 19.27 4.05
CH3 ACE A 1 2.25 21.41 4.65
N VAL A 2 0.92 19.42 4.61
CA VAL A 2 0.60 17.97 4.41
C VAL A 2 -0.78 17.85 3.78
N ASN A 3 -0.95 16.84 2.91
CA ASN A 3 -2.20 16.56 2.20
C ASN A 3 -3.41 16.67 3.12
N ALA A 4 -4.26 17.67 2.87
CA ALA A 4 -5.47 17.91 3.61
C ALA A 4 -6.45 16.68 3.60
N LYS A 5 -6.46 15.89 2.53
CA LYS A 5 -7.27 14.66 2.45
C LYS A 5 -6.81 13.54 3.39
N GLN A 6 -5.51 13.46 3.63
CA GLN A 6 -4.93 12.33 4.34
C GLN A 6 -4.65 12.56 5.82
N TYR A 7 -4.61 13.84 6.23
CA TYR A 7 -4.07 14.31 7.53
C TYR A 7 -4.71 13.54 8.70
N HIS A 8 -6.04 13.53 8.75
CA HIS A 8 -6.75 12.92 9.84
C HIS A 8 -6.43 11.42 9.89
N ARG A 9 -6.47 10.75 8.73
CA ARG A 9 -6.29 9.27 8.64
C ARG A 9 -4.83 8.89 8.95
N ILE A 10 -3.87 9.74 8.60
CA ILE A 10 -2.46 9.54 9.01
C ILE A 10 -2.32 9.48 10.54
N LEU A 11 -2.98 10.43 11.24
CA LEU A 11 -2.96 10.46 12.70
C LEU A 11 -3.55 9.18 13.31
N LYS A 12 -4.66 8.72 12.74
CA LYS A 12 -5.31 7.53 13.22
C LYS A 12 -4.39 6.33 13.09
N ARG A 13 -3.75 6.18 11.93
CA ARG A 13 -2.85 5.03 11.61
C ARG A 13 -1.59 5.06 12.50
N ARG A 14 -1.11 6.25 12.87
CA ARG A 14 0.00 6.36 13.87
C ARG A 14 -0.41 5.67 15.17
N GLN A 15 -1.66 5.93 15.61
CA GLN A 15 -2.17 5.40 16.86
C GLN A 15 -2.43 3.88 16.77
N ALA A 16 -2.98 3.43 15.64
CA ALA A 16 -3.19 2.01 15.37
C ALA A 16 -1.87 1.21 15.36
N ARG A 17 -0.83 1.79 14.74
CA ARG A 17 0.53 1.17 14.66
C ARG A 17 1.13 1.15 16.06
N ALA A 18 0.96 2.21 16.84
CA ALA A 18 1.43 2.24 18.23
C ALA A 18 0.81 1.08 19.01
N LYS A 19 -0.48 0.80 18.77
CA LYS A 19 -1.17 -0.22 19.56
C LYS A 19 -0.64 -1.61 19.25
N LEU A 20 -0.59 -1.95 17.96
CA LEU A 20 -0.06 -3.24 17.49
C LEU A 20 1.35 -3.47 17.98
N GLU A 21 2.15 -2.39 18.02
CA GLU A 21 3.47 -2.44 18.62
C GLU A 21 3.37 -2.75 20.10
N ALA A 22 2.62 -1.92 20.84
CA ALA A 22 2.43 -2.10 22.28
C ALA A 22 2.00 -3.54 22.63
N GLU A 23 1.46 -4.25 21.64
CA GLU A 23 1.27 -5.69 21.70
C GLU A 23 2.53 -6.38 21.14
N GLY A 24 2.37 -7.31 20.18
CA GLY A 24 3.50 -7.92 19.49
C GLY A 24 3.20 -8.30 18.05
N LYS A 25 2.21 -7.64 17.44
CA LYS A 25 1.70 -8.01 16.13
C LYS A 25 2.50 -7.38 14.97
N ILE A 26 3.31 -6.35 15.29
CA ILE A 26 4.30 -5.78 14.38
C ILE A 26 5.49 -5.30 15.20
N PRO A 27 6.71 -5.27 14.63
CA PRO A 27 7.90 -4.79 15.35
C PRO A 27 8.05 -3.25 15.37
N LYS A 28 8.94 -2.75 16.21
CA LYS A 28 9.37 -1.36 16.21
C LYS A 28 9.93 -1.01 14.83
N GLU A 29 11.03 -1.67 14.45
CA GLU A 29 11.71 -1.43 13.18
C GLU A 29 11.36 -2.51 12.17
N ARG A 30 11.85 -3.74 12.43
CA ARG A 30 11.78 -4.95 11.54
C ARG A 30 13.17 -5.57 11.49
N NH2 A 31 13.21 -6.89 11.48
N ARG B 5 5.06 -13.41 11.88
CA ARG B 5 6.03 -14.29 11.14
C ARG B 5 6.47 -13.64 9.81
N GLU B 6 6.10 -12.37 9.57
CA GLU B 6 6.28 -11.67 8.29
C GLU B 6 5.35 -12.19 7.20
N GLN B 7 5.15 -13.52 7.14
CA GLN B 7 4.13 -14.15 6.29
C GLN B 7 2.69 -13.77 6.76
N ASP B 8 2.61 -13.22 7.98
CA ASP B 8 1.36 -12.81 8.60
C ASP B 8 1.08 -11.31 8.51
N ILE B 9 2.06 -10.50 8.09
CA ILE B 9 1.80 -9.05 7.98
C ILE B 9 2.21 -8.36 6.68
N TYR B 10 2.85 -9.10 5.78
CA TYR B 10 3.37 -8.56 4.49
C TYR B 10 2.98 -9.48 3.33
N LEU B 11 2.83 -8.88 2.14
CA LEU B 11 2.74 -9.64 0.90
C LEU B 11 4.07 -10.35 0.59
N PRO B 12 4.07 -11.47 -0.16
CA PRO B 12 5.30 -12.21 -0.39
C PRO B 12 6.27 -11.37 -1.25
N ILE B 13 7.52 -11.30 -0.81
CA ILE B 13 8.52 -10.42 -1.39
C ILE B 13 8.65 -10.57 -2.90
N ALA B 14 8.65 -11.82 -3.38
CA ALA B 14 8.84 -12.11 -4.80
C ALA B 14 7.68 -11.59 -5.64
N ASN B 15 6.50 -11.58 -5.06
CA ASN B 15 5.31 -11.13 -5.76
C ASN B 15 5.35 -9.63 -5.86
N VAL B 16 5.69 -8.96 -4.76
CA VAL B 16 5.89 -7.51 -4.75
C VAL B 16 6.98 -7.11 -5.77
N ALA B 17 8.11 -7.84 -5.72
CA ALA B 17 9.25 -7.65 -6.60
C ALA B 17 8.87 -7.76 -8.06
N ARG B 18 7.99 -8.73 -8.40
CA ARG B 18 7.64 -8.98 -9.82
C ARG B 18 6.91 -7.75 -10.35
N ILE B 19 6.02 -7.18 -9.54
CA ILE B 19 5.29 -5.98 -9.92
C ILE B 19 6.25 -4.81 -10.11
N MET B 20 7.24 -4.68 -9.22
CA MET B 20 8.20 -3.59 -9.35
C MET B 20 9.05 -3.69 -10.63
N LYS B 21 9.52 -4.92 -10.94
CA LYS B 21 10.34 -5.17 -12.12
C LYS B 21 9.64 -4.76 -13.41
N ASN B 22 8.34 -5.04 -13.46
CA ASN B 22 7.51 -4.62 -14.58
C ASN B 22 7.44 -3.11 -14.74
N ALA B 23 7.65 -2.37 -13.64
CA ALA B 23 7.54 -0.92 -13.64
C ALA B 23 8.78 -0.16 -14.08
N ILE B 24 9.93 -0.82 -14.06
CA ILE B 24 11.22 -0.21 -14.37
C ILE B 24 11.69 -0.78 -15.70
N PRO B 25 12.68 -0.18 -16.38
CA PRO B 25 13.28 -0.80 -17.58
C PRO B 25 13.84 -2.20 -17.32
N GLN B 26 13.86 -3.05 -18.36
CA GLN B 26 14.41 -4.41 -18.31
C GLN B 26 15.85 -4.43 -17.81
N THR B 27 16.59 -3.37 -18.13
CA THR B 27 17.97 -3.18 -17.72
C THR B 27 18.13 -2.87 -16.22
N GLY B 28 17.03 -2.47 -15.57
CA GLY B 28 17.00 -2.10 -14.17
C GLY B 28 17.12 -3.26 -13.21
N LYS B 29 17.56 -2.94 -11.98
CA LYS B 29 17.65 -3.87 -10.86
C LYS B 29 16.99 -3.20 -9.66
N ILE B 30 16.60 -4.03 -8.69
CA ILE B 30 15.99 -3.56 -7.46
C ILE B 30 16.74 -4.21 -6.33
N ALA B 31 17.23 -3.41 -5.38
CA ALA B 31 17.89 -3.89 -4.17
C ALA B 31 16.88 -4.67 -3.31
N LYS B 32 17.39 -5.67 -2.58
CA LYS B 32 16.59 -6.42 -1.62
C LYS B 32 15.90 -5.45 -0.67
N ASP B 33 16.65 -4.48 -0.15
CA ASP B 33 16.12 -3.51 0.79
C ASP B 33 14.97 -2.68 0.21
N ALA B 34 14.99 -2.41 -1.10
CA ALA B 34 13.94 -1.65 -1.74
C ALA B 34 12.69 -2.51 -1.91
N LYS B 35 12.89 -3.81 -2.19
CA LYS B 35 11.77 -4.78 -2.28
C LYS B 35 11.08 -4.81 -0.94
N GLU B 36 11.87 -4.82 0.13
CA GLU B 36 11.37 -4.90 1.48
C GLU B 36 10.64 -3.64 1.88
N CYS B 37 11.18 -2.51 1.44
CA CYS B 37 10.56 -1.22 1.65
C CYS B 37 9.14 -1.15 1.01
N VAL B 38 9.05 -1.49 -0.27
CA VAL B 38 7.76 -1.49 -0.97
C VAL B 38 6.80 -2.44 -0.26
N GLN B 39 7.32 -3.58 0.19
CA GLN B 39 6.57 -4.54 0.99
C GLN B 39 5.86 -3.84 2.16
N GLU B 40 6.62 -3.01 2.88
CA GLU B 40 6.11 -2.18 3.98
C GLU B 40 5.13 -1.09 3.52
N CYS B 41 5.42 -0.44 2.38
CA CYS B 41 4.55 0.61 1.90
C CYS B 41 3.18 0.03 1.51
N VAL B 42 3.19 -1.16 0.91
CA VAL B 42 1.96 -1.74 0.39
C VAL B 42 1.10 -2.18 1.56
N SER B 43 1.71 -2.75 2.61
CA SER B 43 0.91 -3.06 3.78
C SER B 43 0.29 -1.78 4.38
N GLU B 44 1.05 -0.69 4.47
CA GLU B 44 0.51 0.55 5.01
C GLU B 44 -0.65 1.08 4.15
N PHE B 45 -0.51 0.94 2.83
CA PHE B 45 -1.50 1.38 1.86
C PHE B 45 -2.82 0.64 2.10
N ILE B 46 -2.73 -0.68 2.26
CA ILE B 46 -3.91 -1.48 2.55
C ILE B 46 -4.56 -1.01 3.86
N SER B 47 -3.75 -0.91 4.93
CA SER B 47 -4.26 -0.53 6.24
C SER B 47 -4.87 0.88 6.29
N PHE B 48 -4.24 1.84 5.60
CA PHE B 48 -4.64 3.26 5.52
C PHE B 48 -6.07 3.37 4.95
N ILE B 49 -6.25 2.82 3.75
CA ILE B 49 -7.52 2.82 3.07
C ILE B 49 -8.55 2.06 3.91
N THR B 50 -8.19 0.84 4.37
CA THR B 50 -9.10 0.01 5.17
C THR B 50 -9.64 0.73 6.38
N SER B 51 -8.74 1.43 7.08
CA SER B 51 -9.07 2.20 8.26
C SER B 51 -10.08 3.28 7.94
N GLU B 52 -9.94 3.91 6.77
CA GLU B 52 -10.89 4.93 6.35
C GLU B 52 -12.22 4.28 5.98
N ALA B 53 -12.16 3.19 5.21
CA ALA B 53 -13.36 2.46 4.80
C ALA B 53 -14.13 1.93 5.99
N SER B 54 -13.41 1.64 7.08
CA SER B 54 -13.99 1.14 8.33
C SER B 54 -14.93 2.19 8.94
N GLU B 55 -14.61 3.47 8.72
CA GLU B 55 -15.38 4.60 9.21
C GLU B 55 -16.11 5.27 8.04
N ARG B 56 -16.73 4.45 7.18
CA ARG B 56 -17.55 4.88 6.00
C ARG B 56 -19.03 4.73 6.38
N CYS B 57 -19.36 3.70 7.16
CA CYS B 57 -20.68 3.49 7.74
C CYS B 57 -20.49 2.96 9.16
N HIS B 58 -21.48 3.24 10.03
CA HIS B 58 -21.50 2.82 11.45
C HIS B 58 -20.43 3.53 12.29
N THR B 64 -19.95 -4.87 7.96
CA THR B 64 -19.06 -5.38 6.91
C THR B 64 -18.43 -4.29 6.04
N ILE B 65 -17.10 -4.34 5.92
CA ILE B 65 -16.36 -3.55 4.95
C ILE B 65 -16.52 -4.17 3.58
N ASN B 66 -17.08 -3.42 2.63
CA ASN B 66 -17.33 -3.92 1.29
C ASN B 66 -16.57 -3.13 0.25
N GLY B 67 -16.72 -3.55 -1.02
CA GLY B 67 -15.93 -2.98 -2.10
C GLY B 67 -16.28 -1.52 -2.33
N GLU B 68 -17.56 -1.18 -2.16
CA GLU B 68 -17.98 0.21 -2.25
C GLU B 68 -17.34 1.12 -1.20
N ASP B 69 -17.24 0.63 0.04
CA ASP B 69 -16.58 1.36 1.12
C ASP B 69 -15.11 1.71 0.78
N ILE B 70 -14.43 0.73 0.18
CA ILE B 70 -13.02 0.83 -0.17
C ILE B 70 -12.87 1.83 -1.30
N LEU B 71 -13.80 1.79 -2.24
CA LEU B 71 -13.74 2.69 -3.38
C LEU B 71 -13.96 4.15 -2.94
N PHE B 72 -14.94 4.36 -2.03
CA PHE B 72 -15.16 5.70 -1.51
C PHE B 72 -13.97 6.23 -0.73
N ALA B 73 -13.36 5.37 0.11
CA ALA B 73 -12.19 5.72 0.91
C ALA B 73 -11.05 6.12 0.00
N MET B 74 -10.87 5.34 -1.05
CA MET B 74 -9.92 5.69 -2.08
C MET B 74 -10.19 7.08 -2.67
N SER B 75 -11.47 7.38 -2.97
CA SER B 75 -11.81 8.73 -3.41
C SER B 75 -11.53 9.81 -2.36
N THR B 76 -11.84 9.50 -1.10
CA THR B 76 -11.74 10.47 -0.03
C THR B 76 -10.26 10.87 0.16
N LEU B 77 -9.40 9.86 0.11
CA LEU B 77 -8.01 9.97 0.57
C LEU B 77 -7.04 10.36 -0.54
N GLY B 78 -7.58 10.62 -1.75
CA GLY B 78 -6.83 11.17 -2.86
C GLY B 78 -6.35 10.18 -3.92
N PHE B 79 -6.99 9.00 -3.97
CA PHE B 79 -6.67 7.96 -4.93
C PHE B 79 -7.81 7.79 -5.95
N ASP B 80 -8.47 8.91 -6.29
CA ASP B 80 -9.58 8.94 -7.24
C ASP B 80 -9.24 8.33 -8.61
N SER B 81 -8.00 8.52 -9.07
CA SER B 81 -7.53 7.92 -10.32
C SER B 81 -7.65 6.37 -10.41
N TYR B 82 -7.62 5.70 -9.25
CA TYR B 82 -7.73 4.22 -9.12
C TYR B 82 -9.16 3.69 -9.32
N VAL B 83 -10.18 4.56 -9.16
CA VAL B 83 -11.55 4.10 -8.98
C VAL B 83 -12.08 3.43 -10.23
N GLU B 84 -11.97 4.10 -11.38
CA GLU B 84 -12.54 3.55 -12.60
C GLU B 84 -11.82 2.27 -12.98
N PRO B 85 -10.48 2.26 -13.08
CA PRO B 85 -9.76 1.03 -13.37
C PRO B 85 -10.22 -0.11 -12.44
N LEU B 86 -10.38 0.19 -11.14
CA LEU B 86 -10.77 -0.82 -10.17
C LEU B 86 -12.16 -1.34 -10.42
N LYS B 87 -13.11 -0.45 -10.69
CA LYS B 87 -14.46 -0.90 -11.05
C LYS B 87 -14.47 -1.77 -12.34
N LEU B 88 -13.65 -1.39 -13.31
CA LEU B 88 -13.56 -2.17 -14.55
C LEU B 88 -12.97 -3.57 -14.22
N TYR B 89 -11.95 -3.60 -13.37
CA TYR B 89 -11.33 -4.87 -12.90
C TYR B 89 -12.36 -5.78 -12.20
N LEU B 90 -13.13 -5.23 -11.24
CA LEU B 90 -14.05 -6.05 -10.45
C LEU B 90 -15.12 -6.61 -11.36
N GLN B 91 -15.49 -5.80 -12.35
CA GLN B 91 -16.44 -6.21 -13.40
C GLN B 91 -16.00 -7.46 -14.19
N LYS B 92 -14.79 -7.38 -14.77
CA LYS B 92 -14.17 -8.51 -15.46
C LYS B 92 -14.08 -9.69 -14.49
N PHE B 93 -13.69 -9.39 -13.25
CA PHE B 93 -13.47 -10.42 -12.27
C PHE B 93 -14.68 -11.30 -12.03
N ARG B 94 -15.84 -10.69 -11.88
CA ARG B 94 -17.05 -11.42 -11.45
C ARG B 94 -17.81 -11.96 -12.67
N GLU B 95 -17.50 -11.50 -13.89
CA GLU B 95 -18.28 -11.88 -15.08
C GLU B 95 -18.09 -13.33 -15.58
N GLU C 18 -2.52 -12.25 -9.94
CA GLU C 18 -1.35 -12.80 -9.15
C GLU C 18 -1.50 -12.79 -7.61
N LEU C 19 -1.40 -11.62 -6.95
CA LEU C 19 -1.18 -11.49 -5.46
C LEU C 19 -2.18 -12.26 -4.61
N PRO C 20 -1.76 -12.83 -3.46
CA PRO C 20 -2.59 -13.77 -2.70
C PRO C 20 -3.69 -13.08 -1.88
N LEU C 21 -4.96 -13.42 -2.15
CA LEU C 21 -6.07 -12.79 -1.48
C LEU C 21 -6.02 -13.02 0.03
N ALA C 22 -5.78 -14.27 0.42
CA ALA C 22 -5.72 -14.69 1.82
C ALA C 22 -4.84 -13.77 2.65
N ARG C 23 -3.67 -13.42 2.10
CA ARG C 23 -2.68 -12.54 2.75
C ARG C 23 -3.19 -11.09 2.78
N ILE C 24 -3.85 -10.63 1.72
CA ILE C 24 -4.42 -9.28 1.77
C ILE C 24 -5.43 -9.19 2.91
N LYS C 25 -6.25 -10.23 3.08
CA LYS C 25 -7.25 -10.26 4.11
C LYS C 25 -6.62 -10.16 5.48
N LYS C 26 -5.52 -10.91 5.69
CA LYS C 26 -4.82 -10.93 6.97
C LYS C 26 -4.37 -9.52 7.34
N ILE C 27 -3.88 -8.78 6.36
CA ILE C 27 -3.38 -7.42 6.60
C ILE C 27 -4.55 -6.52 7.01
N MET C 28 -5.67 -6.62 6.29
CA MET C 28 -6.88 -5.87 6.61
C MET C 28 -7.36 -6.22 8.02
N LYS C 29 -7.29 -7.50 8.38
CA LYS C 29 -7.73 -7.97 9.69
C LYS C 29 -6.74 -7.68 10.86
N LEU C 30 -5.63 -6.98 10.58
CA LEU C 30 -4.72 -6.53 11.66
C LEU C 30 -5.38 -5.48 12.55
N ASP C 31 -6.28 -4.70 11.96
CA ASP C 31 -7.01 -3.64 12.65
C ASP C 31 -8.12 -4.29 13.49
N GLU C 32 -8.14 -3.92 14.77
CA GLU C 32 -9.12 -4.40 15.76
C GLU C 32 -10.58 -4.15 15.36
N ASP C 33 -10.82 -3.02 14.68
CA ASP C 33 -12.18 -2.58 14.33
C ASP C 33 -12.78 -3.37 13.18
N VAL C 34 -12.00 -3.53 12.10
CA VAL C 34 -12.38 -4.42 11.00
C VAL C 34 -12.54 -5.87 11.48
N LYS C 35 -13.78 -6.35 11.45
CA LYS C 35 -14.13 -7.71 11.86
C LYS C 35 -14.68 -8.54 10.70
N MET C 36 -15.64 -7.98 9.95
CA MET C 36 -16.23 -8.62 8.77
C MET C 36 -15.80 -7.91 7.49
N ILE C 37 -15.23 -8.68 6.54
CA ILE C 37 -14.79 -8.17 5.25
C ILE C 37 -15.55 -8.92 4.15
N SER C 38 -16.09 -8.19 3.17
CA SER C 38 -16.73 -8.82 2.03
C SER C 38 -15.68 -9.47 1.14
N ALA C 39 -16.10 -10.49 0.38
CA ALA C 39 -15.18 -11.33 -0.41
C ALA C 39 -14.49 -10.52 -1.52
N GLU C 40 -15.25 -9.59 -2.14
CA GLU C 40 -14.71 -8.65 -3.13
C GLU C 40 -13.59 -7.75 -2.63
N ALA C 41 -13.62 -7.36 -1.35
CA ALA C 41 -12.70 -6.33 -0.86
C ALA C 41 -11.22 -6.64 -1.11
N PRO C 42 -10.76 -7.88 -0.82
CA PRO C 42 -9.38 -8.27 -1.13
C PRO C 42 -9.05 -8.28 -2.63
N VAL C 43 -10.04 -8.61 -3.47
CA VAL C 43 -9.82 -8.56 -4.90
C VAL C 43 -9.48 -7.13 -5.31
N LEU C 44 -10.23 -6.15 -4.79
CA LEU C 44 -10.02 -4.76 -5.14
C LEU C 44 -8.62 -4.32 -4.72
N PHE C 45 -8.22 -4.76 -3.52
CA PHE C 45 -6.91 -4.42 -2.96
C PHE C 45 -5.75 -5.02 -3.72
N ALA C 46 -5.95 -6.25 -4.20
CA ALA C 46 -4.93 -6.92 -5.01
C ALA C 46 -4.61 -6.08 -6.24
N LYS C 47 -5.64 -5.58 -6.93
CA LYS C 47 -5.41 -4.75 -8.09
C LYS C 47 -4.87 -3.36 -7.68
N ALA C 48 -5.43 -2.79 -6.62
CA ALA C 48 -5.07 -1.45 -6.19
C ALA C 48 -3.63 -1.45 -5.77
N ALA C 49 -3.21 -2.50 -5.06
CA ALA C 49 -1.81 -2.64 -4.58
C ALA C 49 -0.86 -2.74 -5.74
N GLN C 50 -1.30 -3.40 -6.82
CA GLN C 50 -0.54 -3.46 -8.06
C GLN C 50 -0.34 -2.07 -8.74
N ILE C 51 -1.41 -1.28 -8.78
CA ILE C 51 -1.38 0.04 -9.38
C ILE C 51 -0.43 0.92 -8.51
N PHE C 52 -0.59 0.81 -7.19
CA PHE C 52 0.17 1.59 -6.24
C PHE C 52 1.68 1.27 -6.27
N ILE C 53 2.01 -0.03 -6.34
CA ILE C 53 3.40 -0.47 -6.44
C ILE C 53 4.00 0.09 -7.69
N THR C 54 3.26 -0.03 -8.79
CA THR C 54 3.67 0.51 -10.08
C THR C 54 4.02 2.00 -10.05
N GLU C 55 3.14 2.84 -9.49
CA GLU C 55 3.38 4.30 -9.52
C GLU C 55 4.50 4.69 -8.53
N LEU C 56 4.55 4.01 -7.38
CA LEU C 56 5.58 4.28 -6.39
C LEU C 56 6.93 3.94 -7.01
N THR C 57 7.01 2.77 -7.64
CA THR C 57 8.23 2.29 -8.22
C THR C 57 8.72 3.19 -9.35
N LEU C 58 7.81 3.61 -10.22
CA LEU C 58 8.17 4.47 -11.33
C LEU C 58 8.66 5.82 -10.81
N ARG C 59 8.02 6.34 -9.77
CA ARG C 59 8.44 7.65 -9.17
C ARG C 59 9.82 7.48 -8.50
N ALA C 60 10.06 6.33 -7.85
CA ALA C 60 11.35 6.06 -7.19
C ALA C 60 12.48 5.98 -8.20
N TRP C 61 12.21 5.32 -9.32
CA TRP C 61 13.13 5.15 -10.43
C TRP C 61 13.70 6.50 -10.95
N ILE C 62 12.88 7.56 -10.90
CA ILE C 62 13.32 8.90 -11.27
C ILE C 62 14.63 9.24 -10.53
N HIS C 63 14.66 8.94 -9.24
CA HIS C 63 15.80 9.29 -8.40
C HIS C 63 16.95 8.30 -8.60
N THR C 64 16.60 7.04 -8.90
CA THR C 64 17.57 6.02 -9.26
C THR C 64 18.44 6.49 -10.41
N GLU C 65 17.78 6.91 -11.49
CA GLU C 65 18.48 7.45 -12.65
C GLU C 65 19.27 8.73 -12.32
N ASP C 66 18.66 9.64 -11.55
CA ASP C 66 19.33 10.89 -11.16
C ASP C 66 20.67 10.66 -10.40
N ASN C 67 20.82 9.51 -9.75
CA ASN C 67 22.07 9.15 -9.06
C ASN C 67 22.93 8.21 -9.90
N LYS C 68 22.57 8.08 -11.18
CA LYS C 68 23.38 7.38 -12.16
C LYS C 68 23.56 5.92 -11.74
N ARG C 69 22.49 5.33 -11.22
CA ARG C 69 22.42 3.90 -10.82
C ARG C 69 21.43 3.17 -11.72
N ARG C 70 21.60 1.86 -11.88
CA ARG C 70 20.58 0.97 -12.49
C ARG C 70 19.92 0.14 -11.39
N THR C 71 20.32 0.33 -10.12
CA THR C 71 19.69 -0.35 -9.00
C THR C 71 18.86 0.57 -8.12
N LEU C 72 17.55 0.34 -8.09
CA LEU C 72 16.65 1.06 -7.24
C LEU C 72 16.86 0.67 -5.77
N GLN C 73 16.93 1.68 -4.90
CA GLN C 73 17.23 1.53 -3.49
C GLN C 73 16.17 2.20 -2.65
N ARG C 74 16.14 1.85 -1.36
CA ARG C 74 15.19 2.39 -0.37
C ARG C 74 15.18 3.94 -0.40
N ASN C 75 16.33 4.60 -0.53
CA ASN C 75 16.27 6.08 -0.53
C ASN C 75 15.58 6.69 -1.70
N ASP C 76 15.60 6.02 -2.84
CA ASP C 76 14.80 6.47 -3.98
C ASP C 76 13.30 6.53 -3.66
N ILE C 77 12.82 5.54 -2.91
CA ILE C 77 11.41 5.48 -2.48
C ILE C 77 11.13 6.57 -1.46
N ALA C 78 12.08 6.80 -0.54
CA ALA C 78 11.97 7.88 0.45
C ALA C 78 11.82 9.22 -0.26
N MET C 79 12.62 9.42 -1.31
CA MET C 79 12.57 10.67 -2.06
C MET C 79 11.24 10.84 -2.77
N ALA C 80 10.81 9.78 -3.45
CA ALA C 80 9.59 9.86 -4.27
C ALA C 80 8.37 10.12 -3.37
N ILE C 81 8.40 9.56 -2.14
CA ILE C 81 7.36 9.82 -1.17
C ILE C 81 7.23 11.32 -0.86
N THR C 82 8.35 12.05 -0.74
CA THR C 82 8.31 13.46 -0.37
C THR C 82 7.87 14.36 -1.53
N LYS C 83 7.88 13.81 -2.76
CA LYS C 83 7.59 14.58 -3.99
C LYS C 83 6.16 14.49 -4.49
N PHE C 84 5.33 13.69 -3.82
CA PHE C 84 3.97 13.45 -4.31
C PHE C 84 3.01 13.45 -3.13
N ASP C 85 2.07 14.41 -3.13
CA ASP C 85 1.17 14.59 -2.00
C ASP C 85 0.29 13.34 -1.73
N GLN C 86 0.07 12.52 -2.76
CA GLN C 86 -0.71 11.28 -2.62
C GLN C 86 0.01 10.26 -1.70
N PHE C 87 1.34 10.42 -1.56
CA PHE C 87 2.15 9.52 -0.74
C PHE C 87 2.45 10.05 0.66
N ASP C 88 1.84 11.19 1.02
CA ASP C 88 1.96 11.78 2.33
C ASP C 88 1.75 10.76 3.46
N PHE C 89 0.85 9.80 3.28
CA PHE C 89 0.60 8.78 4.31
C PHE C 89 1.78 7.80 4.59
N LEU C 90 2.81 7.83 3.74
CA LEU C 90 3.97 6.95 3.87
C LEU C 90 5.16 7.63 4.55
N ILE C 91 5.01 8.91 4.89
CA ILE C 91 6.13 9.66 5.47
C ILE C 91 6.72 8.97 6.70
N ASP C 92 5.85 8.39 7.54
CA ASP C 92 6.30 7.72 8.75
C ASP C 92 6.95 6.37 8.41
N ILE C 93 6.54 5.79 7.28
CA ILE C 93 6.98 4.46 6.90
C ILE C 93 8.40 4.46 6.31
N VAL C 94 8.73 5.45 5.47
CA VAL C 94 9.99 5.53 4.77
C VAL C 94 10.49 6.98 4.79
N PRO C 95 10.96 7.42 5.97
CA PRO C 95 11.44 8.79 6.17
C PRO C 95 12.65 9.15 5.31
N ARG C 96 12.60 10.31 4.64
CA ARG C 96 13.78 10.87 3.94
C ARG C 96 14.77 11.34 5.00
#